data_4FT5
#
_entry.id   4FT5
#
_cell.length_a   44.898
_cell.length_b   65.572
_cell.length_c   57.835
_cell.angle_alpha   90.000
_cell.angle_beta   94.270
_cell.angle_gamma   90.000
#
_symmetry.space_group_name_H-M   'P 1 21 1'
#
loop_
_entity.id
_entity.type
_entity.pdbx_description
1 polymer 'Serine/threonine-protein kinase Chk1'
2 non-polymer 1-{5-chloro-2-[(3R)-pyrrolidin-3-yloxy]phenyl}-3-(5-cyanopyrazin-2-yl)urea
3 non-polymer 'SULFATE ION'
4 non-polymer GLYCEROL
5 water water
#
_entity_poly.entity_id   1
_entity_poly.type   'polypeptide(L)'
_entity_poly.pdbx_seq_one_letter_code
;AVPFVEDWDLVQTLGEGAYGEVQLAVNRVTEEAVAVKIVDMKRAVDCPENIKKEICINKMLNHENVVKFYGHRREGNIQY
LFLEYCSGGELFDRIEPDIGMPEPDAQRFFHQLMAGVVYLHGIGITHRDIKPENLLLDERDNLKISDFGLATVFRYNNRE
RLLNKMCGTLPYVAPELLKRREFHAEPVDVWSCGIVLTAMLAGELPWDQPSDSCQEYSDWKEKKTYLNPWKKIDSAPLAL
LHKILVENPSARITIPDIKKDRWYNKPLKKGAKRPRVTS
;
_entity_poly.pdbx_strand_id   A
#
loop_
_chem_comp.id
_chem_comp.type
_chem_comp.name
_chem_comp.formula
GOL non-polymer GLYCEROL 'C3 H8 O3'
H2K non-polymer 1-{5-chloro-2-[(3R)-pyrrolidin-3-yloxy]phenyl}-3-(5-cyanopyrazin-2-yl)urea 'C16 H15 Cl N6 O2'
SO4 non-polymer 'SULFATE ION' 'O4 S -2'
#
# COMPACT_ATOMS: atom_id res chain seq x y z
N VAL A 2 -21.33 30.97 -4.30
CA VAL A 2 -22.40 30.09 -3.77
C VAL A 2 -22.29 30.05 -2.22
N PRO A 3 -23.32 30.50 -1.47
CA PRO A 3 -23.24 30.43 0.00
C PRO A 3 -23.26 29.00 0.53
N PHE A 4 -22.54 28.76 1.66
CA PHE A 4 -22.47 27.52 2.45
C PHE A 4 -21.63 26.38 1.80
N VAL A 5 -21.13 26.58 0.56
CA VAL A 5 -20.34 25.61 -0.23
C VAL A 5 -19.05 25.16 0.53
N GLU A 6 -18.58 25.98 1.48
CA GLU A 6 -17.37 25.73 2.26
C GLU A 6 -17.66 24.94 3.56
N ASP A 7 -18.95 24.65 3.88
CA ASP A 7 -19.30 23.94 5.10
C ASP A 7 -19.39 22.43 4.90
N TRP A 8 -18.72 21.67 5.80
CA TRP A 8 -18.68 20.21 5.77
C TRP A 8 -19.17 19.64 7.08
N ASP A 9 -20.12 18.69 7.03
CA ASP A 9 -20.63 18.05 8.24
C ASP A 9 -19.82 16.78 8.49
N LEU A 10 -19.30 16.62 9.72
CA LEU A 10 -18.56 15.42 10.08
C LEU A 10 -19.60 14.39 10.49
N VAL A 11 -19.95 13.48 9.55
CA VAL A 11 -21.04 12.53 9.73
C VAL A 11 -20.64 11.21 10.45
N GLN A 12 -19.41 10.69 10.28
CA GLN A 12 -18.97 9.45 10.96
C GLN A 12 -17.44 9.30 11.03
N THR A 13 -16.98 8.58 12.08
CA THR A 13 -15.57 8.30 12.32
C THR A 13 -15.19 7.09 11.47
N LEU A 14 -14.13 7.23 10.66
CA LEU A 14 -13.66 6.18 9.78
C LEU A 14 -12.49 5.40 10.42
N GLY A 15 -11.57 6.12 11.06
CA GLY A 15 -10.41 5.56 11.74
C GLY A 15 -9.36 6.59 12.10
N GLU A 21 -7.47 11.23 14.25
CA GLU A 21 -8.67 10.54 13.78
C GLU A 21 -9.03 10.92 12.34
N VAL A 22 -9.65 9.98 11.62
CA VAL A 22 -10.10 10.19 10.25
C VAL A 22 -11.63 10.19 10.29
N GLN A 23 -12.24 11.29 9.83
CA GLN A 23 -13.68 11.43 9.83
C GLN A 23 -14.22 11.62 8.44
N LEU A 24 -15.42 11.07 8.17
CA LEU A 24 -16.13 11.26 6.91
C LEU A 24 -16.83 12.60 6.97
N ALA A 25 -16.48 13.48 6.02
CA ALA A 25 -17.04 14.82 5.88
C ALA A 25 -17.90 14.88 4.63
N VAL A 26 -19.08 15.51 4.75
CA VAL A 26 -20.04 15.67 3.67
C VAL A 26 -20.32 17.17 3.46
N ASN A 27 -20.24 17.63 2.21
CA ASN A 27 -20.50 19.01 1.88
C ASN A 27 -21.99 19.33 2.03
N ARG A 28 -22.27 20.43 2.72
CA ARG A 28 -23.60 20.97 3.03
C ARG A 28 -24.44 21.18 1.74
N VAL A 29 -23.83 21.78 0.72
CA VAL A 29 -24.47 22.11 -0.53
C VAL A 29 -24.41 20.95 -1.54
N THR A 30 -23.20 20.52 -1.91
CA THR A 30 -22.99 19.55 -2.98
C THR A 30 -23.14 18.08 -2.58
N GLU A 31 -23.09 17.78 -1.27
CA GLU A 31 -23.13 16.43 -0.70
C GLU A 31 -21.89 15.59 -1.09
N GLU A 32 -20.83 16.26 -1.60
CA GLU A 32 -19.55 15.62 -1.90
C GLU A 32 -18.95 15.08 -0.60
N ALA A 33 -18.44 13.86 -0.62
CA ALA A 33 -17.81 13.25 0.55
C ALA A 33 -16.29 13.29 0.44
N VAL A 34 -15.63 13.72 1.53
CA VAL A 34 -14.16 13.73 1.66
C VAL A 34 -13.79 13.09 3.00
N ALA A 35 -12.54 12.64 3.12
CA ALA A 35 -12.00 12.12 4.37
C ALA A 35 -11.21 13.24 5.05
N VAL A 36 -11.51 13.51 6.32
CA VAL A 36 -10.82 14.57 7.02
C VAL A 36 -9.98 13.96 8.12
N LYS A 37 -8.67 14.11 7.99
CA LYS A 37 -7.70 13.62 8.99
C LYS A 37 -7.46 14.78 9.97
N ILE A 38 -7.78 14.54 11.25
CA ILE A 38 -7.67 15.54 12.33
C ILE A 38 -6.46 15.18 13.22
N VAL A 39 -5.46 16.08 13.26
CA VAL A 39 -4.23 15.88 14.03
C VAL A 39 -4.08 16.98 15.09
N ASP A 40 -4.28 16.61 16.37
CA ASP A 40 -4.15 17.51 17.52
C ASP A 40 -2.71 17.50 18.01
N MET A 41 -1.94 18.53 17.61
CA MET A 41 -0.52 18.70 17.95
C MET A 41 -0.35 19.12 19.41
N ASN A 50 6.44 16.14 11.44
CA ASN A 50 5.94 14.85 10.94
C ASN A 50 4.61 15.04 10.18
N ILE A 51 3.75 15.96 10.66
CA ILE A 51 2.48 16.31 10.01
C ILE A 51 2.77 17.33 8.88
N LYS A 52 3.80 18.17 9.07
CA LYS A 52 4.23 19.17 8.08
C LYS A 52 4.85 18.47 6.87
N LYS A 53 5.48 17.29 7.10
CA LYS A 53 6.08 16.45 6.07
C LYS A 53 4.97 15.71 5.30
N GLU A 54 3.92 15.23 6.03
CA GLU A 54 2.76 14.55 5.44
C GLU A 54 2.02 15.47 4.46
N ILE A 55 1.86 16.76 4.80
CA ILE A 55 1.17 17.80 4.01
C ILE A 55 2.02 18.13 2.76
N CYS A 56 3.34 18.33 2.95
CA CYS A 56 4.30 18.62 1.89
CA CYS A 56 4.26 18.65 1.86
C CYS A 56 4.36 17.48 0.86
N ILE A 57 4.45 16.22 1.35
CA ILE A 57 4.51 15.07 0.46
C ILE A 57 3.17 14.96 -0.29
N ASN A 58 2.03 15.12 0.42
CA ASN A 58 0.67 15.06 -0.15
C ASN A 58 0.44 16.08 -1.28
N LYS A 59 1.01 17.29 -1.16
CA LYS A 59 0.88 18.37 -2.17
C LYS A 59 1.61 18.01 -3.50
N MET A 60 2.54 17.06 -3.47
CA MET A 60 3.26 16.59 -4.66
C MET A 60 2.47 15.48 -5.42
N LEU A 61 1.56 14.76 -4.73
CA LEU A 61 0.90 13.56 -5.27
C LEU A 61 -0.32 13.82 -6.15
N ASN A 62 -0.33 13.16 -7.33
CA ASN A 62 -1.41 13.21 -8.31
C ASN A 62 -1.38 11.95 -9.18
N HIS A 63 -2.10 10.91 -8.75
CA HIS A 63 -2.19 9.61 -9.43
C HIS A 63 -3.48 8.91 -9.02
N GLU A 64 -4.07 8.16 -9.97
CA GLU A 64 -5.34 7.44 -9.82
C GLU A 64 -5.27 6.30 -8.76
N ASN A 65 -4.04 5.83 -8.40
CA ASN A 65 -3.84 4.80 -7.39
C ASN A 65 -3.22 5.35 -6.09
N VAL A 66 -3.34 6.67 -5.88
CA VAL A 66 -2.86 7.36 -4.68
C VAL A 66 -4.01 8.26 -4.21
N VAL A 67 -4.32 8.22 -2.90
CA VAL A 67 -5.36 9.04 -2.27
C VAL A 67 -5.10 10.53 -2.58
N LYS A 68 -6.11 11.24 -3.13
CA LYS A 68 -6.06 12.66 -3.51
C LYS A 68 -6.00 13.54 -2.29
N PHE A 69 -5.24 14.62 -2.41
CA PHE A 69 -5.12 15.64 -1.38
C PHE A 69 -5.84 16.86 -1.92
N TYR A 70 -6.79 17.39 -1.14
CA TYR A 70 -7.60 18.54 -1.56
C TYR A 70 -7.11 19.85 -0.97
N GLY A 71 -6.52 19.79 0.22
CA GLY A 71 -5.98 20.93 0.95
C GLY A 71 -5.90 20.72 2.44
N HIS A 72 -5.45 21.73 3.16
CA HIS A 72 -5.32 21.66 4.61
C HIS A 72 -5.68 23.00 5.27
N ARG A 73 -6.05 22.94 6.56
CA ARG A 73 -6.39 24.12 7.35
C ARG A 73 -5.90 23.93 8.78
N ARG A 74 -5.17 24.94 9.30
CA ARG A 74 -4.63 24.97 10.67
C ARG A 74 -5.48 25.89 11.54
N GLU A 75 -6.20 25.31 12.50
CA GLU A 75 -7.05 26.03 13.44
C GLU A 75 -6.45 25.86 14.85
N GLY A 76 -5.41 26.65 15.12
CA GLY A 76 -4.68 26.64 16.37
C GLY A 76 -3.73 25.47 16.48
N ASN A 77 -4.02 24.55 17.41
CA ASN A 77 -3.20 23.35 17.66
C ASN A 77 -3.69 22.15 16.81
N ILE A 78 -4.83 22.32 16.10
CA ILE A 78 -5.42 21.25 15.29
C ILE A 78 -5.23 21.50 13.79
N GLN A 79 -4.70 20.47 13.11
CA GLN A 79 -4.49 20.44 11.66
C GLN A 79 -5.55 19.54 11.01
N TYR A 80 -6.25 20.08 10.00
CA TYR A 80 -7.28 19.38 9.24
C TYR A 80 -6.77 19.09 7.84
N LEU A 81 -6.69 17.80 7.47
CA LEU A 81 -6.23 17.37 6.15
C LEU A 81 -7.41 16.84 5.36
N PHE A 82 -7.67 17.44 4.20
CA PHE A 82 -8.78 17.08 3.31
C PHE A 82 -8.26 16.10 2.29
N LEU A 83 -8.70 14.84 2.43
CA LEU A 83 -8.22 13.72 1.63
C LEU A 83 -9.38 12.95 1.00
N GLU A 84 -9.08 12.20 -0.06
CA GLU A 84 -10.06 11.42 -0.82
C GLU A 84 -10.81 10.41 0.05
N TYR A 85 -12.14 10.34 -0.15
CA TYR A 85 -12.98 9.37 0.51
C TYR A 85 -13.03 8.14 -0.40
N CYS A 86 -12.76 6.98 0.20
CA CYS A 86 -12.73 5.70 -0.48
C CYS A 86 -13.76 4.83 0.22
N SER A 87 -14.98 4.79 -0.36
CA SER A 87 -16.17 4.13 0.20
C SER A 87 -16.05 2.62 0.35
N GLY A 88 -15.20 1.99 -0.46
CA GLY A 88 -14.92 0.54 -0.40
C GLY A 88 -14.13 0.12 0.83
N GLY A 89 -13.56 1.09 1.53
CA GLY A 89 -12.80 0.86 2.74
C GLY A 89 -11.41 0.27 2.52
N GLU A 90 -10.94 -0.52 3.50
CA GLU A 90 -9.60 -1.09 3.47
C GLU A 90 -9.53 -2.41 2.76
N LEU A 91 -8.43 -2.61 2.00
CA LEU A 91 -8.11 -3.89 1.37
C LEU A 91 -8.14 -5.01 2.43
N PHE A 92 -7.68 -4.67 3.65
CA PHE A 92 -7.62 -5.53 4.83
C PHE A 92 -8.94 -6.29 5.00
N ASP A 93 -10.10 -5.60 4.85
CA ASP A 93 -11.42 -6.19 5.04
C ASP A 93 -11.96 -6.96 3.83
N ARG A 94 -11.13 -7.15 2.82
CA ARG A 94 -11.47 -7.96 1.64
C ARG A 94 -10.72 -9.27 1.70
N ILE A 95 -9.79 -9.38 2.65
CA ILE A 95 -8.98 -10.58 2.87
C ILE A 95 -9.68 -11.45 3.90
N GLU A 96 -10.08 -12.66 3.50
CA GLU A 96 -10.75 -13.61 4.38
C GLU A 96 -9.68 -14.34 5.19
N PRO A 97 -9.75 -14.34 6.53
CA PRO A 97 -8.68 -14.99 7.32
C PRO A 97 -8.51 -16.46 6.92
N ASP A 98 -7.22 -16.88 6.80
CA ASP A 98 -6.73 -18.20 6.41
CA ASP A 98 -6.79 -18.23 6.43
C ASP A 98 -7.15 -18.59 4.97
N ILE A 99 -7.93 -17.73 4.26
CA ILE A 99 -8.35 -18.02 2.88
C ILE A 99 -7.74 -17.00 1.87
N GLY A 100 -7.92 -15.73 2.15
CA GLY A 100 -7.45 -14.65 1.28
C GLY A 100 -8.59 -14.14 0.43
N MET A 101 -8.40 -14.20 -0.89
CA MET A 101 -9.40 -13.74 -1.86
C MET A 101 -9.19 -14.46 -3.23
N PRO A 102 -10.16 -14.43 -4.18
CA PRO A 102 -9.91 -15.07 -5.49
C PRO A 102 -8.67 -14.48 -6.15
N GLU A 103 -7.81 -15.35 -6.72
CA GLU A 103 -6.55 -14.99 -7.38
C GLU A 103 -6.71 -13.81 -8.39
N PRO A 104 -7.79 -13.78 -9.24
CA PRO A 104 -7.94 -12.67 -10.19
C PRO A 104 -8.14 -11.32 -9.49
N ASP A 105 -8.85 -11.28 -8.35
CA ASP A 105 -9.02 -10.03 -7.58
C ASP A 105 -7.68 -9.54 -7.04
N ALA A 106 -6.89 -10.48 -6.49
CA ALA A 106 -5.58 -10.18 -5.93
C ALA A 106 -4.66 -9.66 -7.00
N GLN A 107 -4.67 -10.27 -8.20
CA GLN A 107 -3.85 -9.83 -9.33
C GLN A 107 -4.16 -8.40 -9.75
N ARG A 108 -5.45 -8.03 -9.82
CA ARG A 108 -5.90 -6.69 -10.18
C ARG A 108 -5.45 -5.69 -9.10
N PHE A 109 -5.60 -6.02 -7.81
CA PHE A 109 -5.19 -5.15 -6.71
C PHE A 109 -3.67 -5.00 -6.70
N PHE A 110 -2.93 -6.09 -7.00
CA PHE A 110 -1.46 -6.02 -7.11
C PHE A 110 -1.02 -5.14 -8.33
N HIS A 111 -1.75 -5.20 -9.48
CA HIS A 111 -1.44 -4.35 -10.64
C HIS A 111 -1.54 -2.88 -10.26
N GLN A 112 -2.66 -2.51 -9.57
CA GLN A 112 -2.98 -1.17 -9.12
C GLN A 112 -2.02 -0.75 -8.01
N LEU A 113 -1.55 -1.70 -7.18
CA LEU A 113 -0.55 -1.39 -6.14
C LEU A 113 0.78 -1.01 -6.80
N MET A 114 1.19 -1.74 -7.85
CA MET A 114 2.42 -1.50 -8.60
C MET A 114 2.38 -0.15 -9.32
N ALA A 115 1.25 0.21 -10.00
CA ALA A 115 1.06 1.49 -10.68
C ALA A 115 1.25 2.65 -9.69
N GLY A 116 0.69 2.50 -8.49
CA GLY A 116 0.83 3.47 -7.42
C GLY A 116 2.25 3.62 -6.92
N VAL A 117 2.93 2.48 -6.67
CA VAL A 117 4.30 2.44 -6.14
C VAL A 117 5.27 2.95 -7.24
N VAL A 118 5.13 2.51 -8.52
CA VAL A 118 5.93 3.02 -9.66
C VAL A 118 5.86 4.56 -9.67
N TYR A 119 4.64 5.10 -9.48
CA TYR A 119 4.40 6.53 -9.49
C TYR A 119 5.20 7.23 -8.38
N LEU A 120 5.02 6.79 -7.11
CA LEU A 120 5.68 7.31 -5.93
C LEU A 120 7.21 7.27 -6.07
N HIS A 121 7.78 6.11 -6.50
CA HIS A 121 9.22 5.95 -6.67
C HIS A 121 9.72 6.87 -7.81
N GLY A 122 8.88 7.06 -8.82
CA GLY A 122 9.15 7.93 -9.97
C GLY A 122 9.36 9.39 -9.60
N ILE A 123 8.68 9.86 -8.55
CA ILE A 123 8.78 11.26 -8.08
C ILE A 123 9.66 11.32 -6.82
N GLY A 124 10.36 10.23 -6.52
CA GLY A 124 11.33 10.15 -5.42
C GLY A 124 10.74 10.03 -4.04
N ILE A 125 9.52 9.44 -3.92
CA ILE A 125 8.84 9.22 -2.62
C ILE A 125 8.75 7.73 -2.27
N THR A 126 9.05 7.40 -0.99
CA THR A 126 8.86 6.05 -0.45
C THR A 126 7.77 6.13 0.64
N HIS A 127 6.76 5.26 0.55
CA HIS A 127 5.65 5.26 1.50
C HIS A 127 6.12 4.77 2.89
N ARG A 128 6.88 3.65 2.92
CA ARG A 128 7.52 3.01 4.08
C ARG A 128 6.55 2.22 4.96
N ASP A 129 5.24 2.26 4.68
CA ASP A 129 4.32 1.51 5.52
C ASP A 129 3.20 0.89 4.67
N ILE A 130 3.59 0.19 3.59
CA ILE A 130 2.62 -0.50 2.75
C ILE A 130 2.13 -1.75 3.49
N LYS A 131 0.82 -1.81 3.70
CA LYS A 131 0.10 -2.90 4.37
C LYS A 131 -1.36 -2.77 3.97
N PRO A 132 -2.23 -3.82 4.09
CA PRO A 132 -3.61 -3.70 3.58
C PRO A 132 -4.45 -2.62 4.26
N GLU A 133 -4.13 -2.25 5.51
CA GLU A 133 -4.81 -1.17 6.26
C GLU A 133 -4.65 0.18 5.57
N ASN A 134 -3.54 0.39 4.85
CA ASN A 134 -3.22 1.66 4.16
C ASN A 134 -3.58 1.62 2.70
N LEU A 135 -4.16 0.50 2.21
CA LEU A 135 -4.60 0.36 0.82
C LEU A 135 -6.12 0.45 0.81
N LEU A 136 -6.63 1.56 0.25
CA LEU A 136 -8.07 1.82 0.29
C LEU A 136 -8.70 1.60 -1.08
N LEU A 137 -10.01 1.37 -1.07
CA LEU A 137 -10.76 1.06 -2.27
C LEU A 137 -11.87 2.08 -2.48
N ASP A 138 -12.01 2.57 -3.71
CA ASP A 138 -13.10 3.48 -4.05
C ASP A 138 -14.38 2.62 -4.30
N GLU A 139 -15.48 3.24 -4.79
CA GLU A 139 -16.76 2.59 -5.06
C GLU A 139 -16.68 1.54 -6.21
N ARG A 140 -15.69 1.68 -7.14
CA ARG A 140 -15.45 0.76 -8.26
C ARG A 140 -14.35 -0.29 -7.89
N ASP A 141 -13.92 -0.30 -6.63
CA ASP A 141 -12.90 -1.19 -6.09
C ASP A 141 -11.49 -0.87 -6.66
N ASN A 142 -11.24 0.42 -6.97
CA ASN A 142 -9.91 0.84 -7.38
C ASN A 142 -9.09 1.10 -6.15
N LEU A 143 -7.91 0.48 -6.12
CA LEU A 143 -6.97 0.58 -5.01
C LEU A 143 -6.30 1.96 -5.03
N LYS A 144 -6.14 2.56 -3.82
CA LYS A 144 -5.50 3.86 -3.60
C LYS A 144 -4.56 3.75 -2.42
N ILE A 145 -3.29 4.13 -2.59
CA ILE A 145 -2.32 4.10 -1.50
C ILE A 145 -2.64 5.28 -0.57
N SER A 146 -2.74 5.03 0.74
CA SER A 146 -3.05 6.11 1.68
C SER A 146 -2.06 6.21 2.82
N ASP A 147 -2.10 7.36 3.56
CA ASP A 147 -1.33 7.65 4.77
C ASP A 147 0.17 7.83 4.48
N PHE A 148 0.55 9.09 4.28
CA PHE A 148 1.92 9.46 3.96
C PHE A 148 2.60 10.06 5.18
N GLY A 149 2.13 9.66 6.36
CA GLY A 149 2.68 10.08 7.65
C GLY A 149 4.07 9.54 7.91
N LEU A 150 4.42 8.37 7.33
CA LEU A 150 5.75 7.74 7.49
C LEU A 150 6.59 7.89 6.24
N ALA A 151 6.01 8.52 5.21
CA ALA A 151 6.63 8.69 3.90
C ALA A 151 7.76 9.67 3.93
N THR A 152 8.75 9.50 3.04
CA THR A 152 9.87 10.40 2.95
C THR A 152 10.43 10.45 1.51
N VAL A 153 11.30 11.45 1.28
CA VAL A 153 12.01 11.72 0.04
C VAL A 153 13.29 10.86 0.06
N PHE A 154 13.42 9.96 -0.93
CA PHE A 154 14.60 9.12 -1.05
C PHE A 154 15.40 9.57 -2.29
N ARG A 155 14.78 10.34 -3.20
CA ARG A 155 15.51 10.85 -4.38
C ARG A 155 15.15 12.32 -4.59
N TYR A 156 16.18 13.16 -4.65
CA TYR A 156 16.07 14.61 -4.86
C TYR A 156 17.18 15.08 -5.77
N ASN A 157 16.85 15.97 -6.75
CA ASN A 157 17.82 16.51 -7.72
C ASN A 157 18.60 15.37 -8.36
N ASN A 158 17.88 14.25 -8.60
CA ASN A 158 18.33 12.99 -9.19
C ASN A 158 19.44 12.27 -8.38
N ARG A 159 19.56 12.61 -7.09
CA ARG A 159 20.53 11.97 -6.19
CA ARG A 159 20.52 11.98 -6.20
C ARG A 159 19.77 11.20 -5.12
N GLU A 160 20.14 9.92 -4.94
CA GLU A 160 19.50 9.02 -4.02
C GLU A 160 20.07 9.14 -2.64
N ARG A 161 19.18 9.21 -1.67
CA ARG A 161 19.54 9.23 -0.24
CA ARG A 161 19.49 9.25 -0.24
C ARG A 161 19.24 7.88 0.37
N LEU A 162 20.27 7.24 0.94
CA LEU A 162 20.11 5.95 1.58
C LEU A 162 19.34 6.17 2.86
N LEU A 163 18.49 5.24 3.25
CA LEU A 163 17.72 5.45 4.46
C LEU A 163 18.39 4.77 5.64
N ASN A 164 18.10 5.23 6.87
CA ASN A 164 18.64 4.64 8.10
C ASN A 164 17.58 4.52 9.20
N LYS A 165 16.47 5.29 9.11
CA LYS A 165 15.42 5.24 10.13
C LYS A 165 14.58 4.00 9.97
N MET A 166 14.34 3.32 11.10
CA MET A 166 13.50 2.14 11.15
C MET A 166 12.04 2.59 11.24
N CYS A 167 11.27 2.33 10.17
CA CYS A 167 9.88 2.73 9.94
C CYS A 167 9.05 1.55 9.45
N GLY A 168 7.75 1.64 9.64
CA GLY A 168 6.84 0.61 9.19
C GLY A 168 6.19 -0.21 10.28
N THR A 169 5.79 -1.44 9.90
CA THR A 169 5.07 -2.44 10.67
C THR A 169 5.85 -3.71 10.50
N LEU A 170 6.29 -4.33 11.62
CA LEU A 170 7.17 -5.50 11.67
C LEU A 170 6.83 -6.67 10.68
N PRO A 171 5.57 -7.19 10.55
CA PRO A 171 5.35 -8.28 9.58
C PRO A 171 5.59 -7.90 8.11
N TYR A 172 5.55 -6.59 7.78
CA TYR A 172 5.71 -6.09 6.41
C TYR A 172 7.11 -5.50 6.10
N VAL A 173 7.99 -5.31 7.11
CA VAL A 173 9.30 -4.69 6.86
C VAL A 173 10.26 -5.66 6.18
N ALA A 174 11.15 -5.12 5.34
CA ALA A 174 12.19 -5.89 4.68
C ALA A 174 13.27 -6.29 5.70
N PRO A 175 13.97 -7.45 5.54
CA PRO A 175 14.99 -7.85 6.53
C PRO A 175 16.19 -6.88 6.69
N GLU A 176 16.57 -6.10 5.64
CA GLU A 176 17.71 -5.16 5.75
C GLU A 176 17.45 -4.02 6.78
N LEU A 177 16.19 -3.67 6.96
CA LEU A 177 15.80 -2.60 7.85
C LEU A 177 16.11 -3.00 9.30
N LEU A 178 16.15 -4.33 9.58
CA LEU A 178 16.49 -4.88 10.89
C LEU A 178 17.97 -5.25 11.04
N LYS A 179 18.69 -5.48 9.95
CA LYS A 179 20.07 -5.98 10.05
C LYS A 179 21.12 -4.99 9.58
N ARG A 180 20.76 -4.02 8.74
CA ARG A 180 21.69 -3.05 8.19
C ARG A 180 21.47 -1.68 8.79
N ARG A 181 22.54 -0.87 8.83
CA ARG A 181 22.52 0.50 9.33
C ARG A 181 21.83 1.39 8.29
N GLU A 182 22.21 1.23 7.01
CA GLU A 182 21.67 1.95 5.85
C GLU A 182 21.16 0.98 4.79
N PHE A 183 20.15 1.41 4.04
CA PHE A 183 19.51 0.60 3.01
C PHE A 183 18.83 1.50 1.98
N HIS A 184 18.68 0.97 0.76
CA HIS A 184 17.97 1.64 -0.31
C HIS A 184 16.47 1.63 0.00
N ALA A 185 15.74 2.69 -0.41
CA ALA A 185 14.29 2.79 -0.12
C ALA A 185 13.39 1.89 -1.00
N GLU A 186 13.64 1.83 -2.31
CA GLU A 186 12.76 1.13 -3.27
C GLU A 186 12.60 -0.38 -2.95
N PRO A 187 13.68 -1.17 -2.72
CA PRO A 187 13.47 -2.60 -2.36
C PRO A 187 12.65 -2.80 -1.08
N VAL A 188 12.65 -1.80 -0.15
CA VAL A 188 11.89 -1.94 1.10
C VAL A 188 10.38 -1.96 0.77
N ASP A 189 9.93 -1.06 -0.11
CA ASP A 189 8.53 -1.01 -0.55
C ASP A 189 8.14 -2.23 -1.38
N VAL A 190 9.10 -2.80 -2.17
CA VAL A 190 8.87 -3.98 -3.03
C VAL A 190 8.55 -5.19 -2.10
N TRP A 191 9.38 -5.37 -1.05
CA TRP A 191 9.20 -6.44 -0.04
C TRP A 191 7.77 -6.39 0.55
N SER A 192 7.37 -5.21 1.08
CA SER A 192 6.07 -4.98 1.72
C SER A 192 4.92 -5.29 0.76
N CYS A 193 5.07 -4.97 -0.54
CA CYS A 193 4.10 -5.32 -1.59
C CYS A 193 4.00 -6.87 -1.72
N GLY A 194 5.12 -7.59 -1.61
CA GLY A 194 5.14 -9.05 -1.63
C GLY A 194 4.46 -9.68 -0.41
N ILE A 195 4.55 -9.04 0.78
CA ILE A 195 3.87 -9.52 2.00
C ILE A 195 2.35 -9.27 1.83
N VAL A 196 1.98 -8.12 1.20
CA VAL A 196 0.59 -7.79 0.88
C VAL A 196 0.04 -8.84 -0.09
N LEU A 197 0.86 -9.27 -1.05
CA LEU A 197 0.42 -10.25 -2.04
C LEU A 197 0.22 -11.60 -1.34
N THR A 198 1.10 -11.94 -0.40
CA THR A 198 1.00 -13.18 0.40
C THR A 198 -0.33 -13.18 1.17
N ALA A 199 -0.61 -12.07 1.91
CA ALA A 199 -1.83 -11.90 2.71
C ALA A 199 -3.07 -12.03 1.83
N MET A 200 -3.05 -11.46 0.62
CA MET A 200 -4.23 -11.54 -0.28
C MET A 200 -4.48 -12.96 -0.79
N LEU A 201 -3.42 -13.77 -0.98
CA LEU A 201 -3.58 -15.09 -1.56
C LEU A 201 -3.66 -16.23 -0.51
N ALA A 202 -3.34 -15.94 0.75
CA ALA A 202 -3.33 -16.97 1.79
C ALA A 202 -4.14 -16.59 3.00
N GLY A 203 -4.47 -15.31 3.15
CA GLY A 203 -5.27 -14.80 4.26
C GLY A 203 -4.55 -14.88 5.59
N GLU A 204 -3.22 -14.91 5.54
CA GLU A 204 -2.36 -14.93 6.72
C GLU A 204 -1.00 -14.30 6.39
N LEU A 205 -0.32 -13.82 7.42
CA LEU A 205 1.00 -13.21 7.36
C LEU A 205 2.06 -14.29 7.57
N PRO A 206 3.11 -14.37 6.71
CA PRO A 206 4.08 -15.47 6.85
C PRO A 206 4.87 -15.50 8.17
N TRP A 207 5.28 -14.35 8.71
CA TRP A 207 6.07 -14.29 9.94
C TRP A 207 5.78 -13.01 10.69
N ASP A 208 6.16 -12.95 11.97
CA ASP A 208 6.04 -11.77 12.82
C ASP A 208 7.06 -10.70 12.39
N GLN A 209 8.24 -11.13 11.92
CA GLN A 209 9.32 -10.26 11.47
C GLN A 209 10.31 -11.05 10.62
N PRO A 210 10.99 -10.44 9.61
CA PRO A 210 11.91 -11.24 8.77
C PRO A 210 13.33 -11.35 9.36
N SER A 211 13.43 -12.08 10.48
CA SER A 211 14.71 -12.33 11.14
C SER A 211 14.98 -13.85 11.28
N ASP A 212 16.28 -14.25 11.31
CA ASP A 212 16.74 -15.63 11.44
C ASP A 212 16.24 -16.30 12.74
N SER A 213 15.98 -15.48 13.79
CA SER A 213 15.43 -15.95 15.07
C SER A 213 13.95 -16.37 14.90
N CYS A 214 13.30 -15.94 13.80
CA CYS A 214 11.91 -16.26 13.49
C CYS A 214 11.89 -17.51 12.62
N GLN A 215 11.43 -18.63 13.21
CA GLN A 215 11.36 -19.97 12.62
C GLN A 215 10.73 -19.98 11.23
N GLU A 216 9.54 -19.34 11.07
CA GLU A 216 8.79 -19.33 9.78
C GLU A 216 9.62 -18.65 8.69
N TYR A 217 10.39 -17.61 9.06
CA TYR A 217 11.26 -16.90 8.13
C TYR A 217 12.41 -17.81 7.70
N SER A 218 12.96 -18.61 8.65
CA SER A 218 14.03 -19.59 8.35
C SER A 218 13.53 -20.68 7.42
N ASP A 219 12.26 -21.12 7.58
CA ASP A 219 11.64 -22.15 6.72
C ASP A 219 11.50 -21.64 5.29
N TRP A 220 11.14 -20.35 5.13
CA TRP A 220 11.00 -19.73 3.83
C TRP A 220 12.37 -19.69 3.14
N LYS A 221 13.44 -19.34 3.87
CA LYS A 221 14.80 -19.32 3.30
C LYS A 221 15.26 -20.76 3.01
N GLU A 222 14.71 -21.76 3.73
CA GLU A 222 15.00 -23.17 3.51
C GLU A 222 14.11 -23.77 2.40
N LYS A 223 13.31 -22.91 1.71
CA LYS A 223 12.40 -23.23 0.61
C LYS A 223 11.35 -24.31 0.98
N LYS A 224 10.90 -24.32 2.24
CA LYS A 224 9.90 -25.26 2.73
C LYS A 224 8.50 -24.74 2.36
N THR A 225 8.21 -24.75 1.05
CA THR A 225 6.96 -24.19 0.52
C THR A 225 5.76 -25.13 0.68
N TYR A 226 6.00 -26.35 1.25
CA TYR A 226 4.95 -27.33 1.55
C TYR A 226 4.20 -26.91 2.80
N LEU A 227 4.74 -25.91 3.54
CA LEU A 227 4.14 -25.37 4.76
C LEU A 227 3.24 -24.16 4.46
N ASN A 228 2.48 -23.72 5.45
CA ASN A 228 1.63 -22.53 5.40
C ASN A 228 2.49 -21.30 5.59
N PRO A 229 2.21 -20.17 4.91
CA PRO A 229 1.09 -19.92 3.98
C PRO A 229 1.28 -20.39 2.53
N TRP A 230 2.52 -20.73 2.15
CA TRP A 230 2.97 -21.02 0.79
C TRP A 230 2.21 -22.18 0.11
N LYS A 231 1.72 -23.19 0.87
CA LYS A 231 1.02 -24.33 0.27
C LYS A 231 -0.37 -23.92 -0.21
N LYS A 232 -0.90 -22.77 0.24
CA LYS A 232 -2.21 -22.27 -0.19
C LYS A 232 -2.10 -21.45 -1.48
N ILE A 233 -0.86 -21.20 -1.95
CA ILE A 233 -0.58 -20.30 -3.08
C ILE A 233 -0.17 -21.08 -4.29
N ASP A 234 -0.81 -20.78 -5.45
CA ASP A 234 -0.49 -21.43 -6.73
C ASP A 234 0.96 -21.16 -7.10
N SER A 235 1.57 -22.07 -7.86
CA SER A 235 2.98 -22.05 -8.24
C SER A 235 3.39 -20.82 -9.08
N ALA A 236 2.47 -20.25 -9.89
CA ALA A 236 2.77 -19.07 -10.72
C ALA A 236 2.90 -17.83 -9.79
N PRO A 237 1.93 -17.46 -8.92
CA PRO A 237 2.18 -16.30 -8.02
C PRO A 237 3.27 -16.58 -6.99
N LEU A 238 3.49 -17.86 -6.60
CA LEU A 238 4.51 -18.26 -5.62
C LEU A 238 5.92 -18.06 -6.19
N ALA A 239 6.10 -18.31 -7.52
CA ALA A 239 7.35 -18.05 -8.26
C ALA A 239 7.68 -16.55 -8.19
N LEU A 240 6.65 -15.68 -8.23
CA LEU A 240 6.82 -14.23 -8.12
C LEU A 240 7.25 -13.87 -6.68
N LEU A 241 6.63 -14.51 -5.68
CA LEU A 241 6.97 -14.29 -4.27
C LEU A 241 8.41 -14.76 -3.98
N HIS A 242 8.87 -15.82 -4.67
CA HIS A 242 10.25 -16.29 -4.53
C HIS A 242 11.24 -15.20 -4.97
N LYS A 243 10.85 -14.34 -5.95
CA LYS A 243 11.71 -13.25 -6.46
C LYS A 243 11.59 -11.94 -5.63
N ILE A 244 10.44 -11.68 -4.99
CA ILE A 244 10.22 -10.48 -4.17
C ILE A 244 10.83 -10.66 -2.78
N LEU A 245 10.51 -11.77 -2.12
CA LEU A 245 10.93 -12.01 -0.74
C LEU A 245 12.31 -12.66 -0.68
N VAL A 246 13.28 -11.98 -1.31
CA VAL A 246 14.70 -12.31 -1.39
C VAL A 246 15.39 -11.49 -0.29
N GLU A 247 16.15 -12.15 0.60
CA GLU A 247 16.79 -11.46 1.73
C GLU A 247 17.75 -10.33 1.28
N ASN A 248 18.60 -10.60 0.29
CA ASN A 248 19.56 -9.61 -0.20
C ASN A 248 18.79 -8.56 -1.03
N PRO A 249 18.67 -7.30 -0.54
CA PRO A 249 17.90 -6.27 -1.28
C PRO A 249 18.47 -5.95 -2.67
N SER A 250 19.77 -6.21 -2.89
CA SER A 250 20.47 -6.00 -4.16
C SER A 250 20.10 -7.08 -5.19
N ALA A 251 19.67 -8.27 -4.72
CA ALA A 251 19.31 -9.39 -5.60
C ALA A 251 17.79 -9.44 -5.81
N ARG A 252 17.01 -8.79 -4.93
CA ARG A 252 15.54 -8.74 -4.98
C ARG A 252 15.04 -8.18 -6.30
N ILE A 253 13.94 -8.73 -6.83
CA ILE A 253 13.34 -8.25 -8.07
C ILE A 253 12.91 -6.75 -7.93
N THR A 254 13.11 -5.97 -9.02
CA THR A 254 12.72 -4.56 -9.08
C THR A 254 11.34 -4.53 -9.71
N ILE A 255 10.61 -3.44 -9.59
CA ILE A 255 9.26 -3.37 -10.16
C ILE A 255 9.30 -3.52 -11.71
N PRO A 256 10.19 -2.84 -12.50
CA PRO A 256 10.20 -3.09 -13.96
C PRO A 256 10.23 -4.60 -14.29
N ASP A 257 10.90 -5.42 -13.47
CA ASP A 257 10.99 -6.87 -13.70
C ASP A 257 9.78 -7.61 -13.12
N ILE A 258 9.07 -7.02 -12.12
CA ILE A 258 7.81 -7.60 -11.61
C ILE A 258 6.80 -7.57 -12.77
N LYS A 259 6.79 -6.46 -13.53
CA LYS A 259 5.97 -6.18 -14.73
C LYS A 259 6.19 -7.19 -15.87
N LYS A 260 7.33 -7.93 -15.87
CA LYS A 260 7.65 -8.96 -16.86
C LYS A 260 7.40 -10.40 -16.31
N ASP A 261 7.04 -10.55 -15.01
CA ASP A 261 6.78 -11.85 -14.41
C ASP A 261 5.58 -12.54 -15.10
N ARG A 262 5.64 -13.86 -15.24
CA ARG A 262 4.61 -14.66 -15.93
C ARG A 262 3.22 -14.54 -15.22
N TRP A 263 3.15 -14.65 -13.88
CA TRP A 263 1.85 -14.55 -13.21
C TRP A 263 1.28 -13.13 -13.30
N TYR A 264 2.14 -12.11 -13.14
CA TYR A 264 1.75 -10.71 -13.28
C TYR A 264 1.01 -10.49 -14.63
N ASN A 265 1.50 -11.12 -15.70
CA ASN A 265 0.94 -10.99 -17.03
C ASN A 265 -0.03 -12.14 -17.42
N LYS A 266 -0.42 -13.01 -16.45
CA LYS A 266 -1.34 -14.11 -16.69
C LYS A 266 -2.77 -13.60 -16.76
N PRO A 267 -3.52 -13.89 -17.86
CA PRO A 267 -4.93 -13.45 -17.93
C PRO A 267 -5.75 -14.27 -16.95
N LEU A 268 -6.41 -13.59 -16.00
CA LEU A 268 -7.20 -14.25 -14.96
C LEU A 268 -8.53 -13.54 -14.70
N LYS A 269 -8.54 -12.20 -14.72
CA LYS A 269 -9.68 -11.37 -14.33
C LYS A 269 -10.53 -10.84 -15.50
N LYS A 270 -11.84 -11.07 -15.39
CA LYS A 270 -12.85 -10.55 -16.31
C LYS A 270 -13.11 -9.08 -15.97
N GLY A 271 -13.62 -8.32 -16.93
CA GLY A 271 -13.95 -6.90 -16.75
C GLY A 271 -15.07 -6.66 -15.76
N ALA A 272 -15.34 -5.39 -15.47
CA ALA A 272 -16.39 -5.03 -14.55
C ALA A 272 -17.70 -5.47 -15.12
N LYS A 273 -18.58 -5.96 -14.28
CA LYS A 273 -19.83 -6.46 -14.78
C LYS A 273 -20.53 -5.31 -15.47
N ARG A 274 -20.98 -5.58 -16.69
CA ARG A 274 -21.64 -4.61 -17.54
C ARG A 274 -22.98 -5.19 -17.94
N PRO A 275 -24.03 -4.40 -17.79
CA PRO A 275 -25.41 -4.89 -18.02
C PRO A 275 -25.65 -5.35 -19.46
N ARG A 276 -26.42 -6.44 -19.64
CA ARG A 276 -26.69 -7.04 -20.94
C ARG A 276 -28.04 -7.76 -21.03
N VAL A 277 -28.69 -7.69 -22.22
CA VAL A 277 -29.98 -8.34 -22.51
C VAL A 277 -29.78 -9.34 -23.68
N THR A 278 -30.75 -10.26 -23.89
CA THR A 278 -30.67 -11.28 -24.94
C THR A 278 -31.84 -11.13 -25.97
N SER A 279 -31.61 -11.63 -27.21
CA SER A 279 -32.49 -11.65 -28.40
C SER A 279 -32.65 -10.26 -28.98
N6 H2K B . -3.98 9.32 6.06
C15 H2K B . -4.93 9.05 5.52
C13 H2K B . -6.16 8.68 4.92
N4 H2K B . -6.95 7.87 5.65
C12 H2K B . -8.15 7.57 5.15
C14 H2K B . -6.59 9.19 3.65
N5 H2K B . -7.80 8.88 3.16
C11 H2K B . -8.59 8.08 3.91
N3 H2K B . -9.84 7.88 3.28
C10 H2K B . -10.96 7.12 3.55
O2 H2K B . -11.93 7.11 2.80
N2 H2K B . -10.91 6.41 4.73
C9 H2K B . -11.64 5.22 5.05
C16 H2K B . -12.85 4.88 4.46
C1 H2K B . -13.55 3.79 4.94
CL H2K B . -15.04 3.33 4.17
C4 H2K B . -11.15 4.44 6.12
C3 H2K B . -11.89 3.38 6.60
C2 H2K B . -13.08 3.04 6.01
O1 H2K B . -9.91 4.78 6.63
C5 H2K B . -9.09 3.72 7.19
C8 H2K B . -7.60 3.99 6.85
N1 H2K B . -7.08 4.67 8.06
C7 H2K B . -7.78 4.10 9.20
C6 H2K B . -9.21 3.82 8.71
H13 H2K B . -8.66 6.86 5.79
H14 H2K B . -6.00 9.88 3.05
H12 H2K B . -9.89 8.43 2.43
H11 H2K B . -10.50 6.82 5.56
H15 H2K B . -13.33 5.43 3.66
H2 H2K B . -11.59 2.79 7.47
H1 H2K B . -13.68 2.20 6.37
H3 H2K B . -9.36 2.73 6.81
H9 H2K B . -7.49 4.53 5.92
H10 H2K B . -7.04 3.07 6.72
H8 H2K B . -7.15 5.67 8.00
H6 H2K B . -7.82 4.75 10.08
H7 H2K B . -7.27 3.20 9.54
H4 H2K B . -9.91 4.61 8.99
H5 H2K B . -9.61 2.92 9.17
S SO4 C . 13.75 10.35 7.19
O1 SO4 C . 13.77 10.81 5.78
O2 SO4 C . 12.36 10.38 7.76
O3 SO4 C . 14.26 8.97 7.29
O4 SO4 C . 14.65 11.24 7.96
C1 GOL D . 13.77 -18.38 -0.46
O1 GOL D . 12.80 -19.22 -1.11
C2 GOL D . 13.91 -17.00 -1.11
O2 GOL D . 13.10 -16.87 -2.27
C3 GOL D . 15.39 -16.71 -1.42
O3 GOL D . 16.04 -16.04 -0.29
#